data_3BWV
#
_entry.id   3BWV
#
_cell.length_a   39.310
_cell.length_b   40.270
_cell.length_c   55.310
_cell.angle_alpha   71.930
_cell.angle_beta   75.080
_cell.angle_gamma   83.620
#
_symmetry.space_group_name_H-M   'P 1'
#
loop_
_entity.id
_entity.type
_entity.pdbx_description
1 polymer "Putative 5'(3')-deoxyribonucleotidase"
2 non-polymer 'MAGNESIUM ION'
3 non-polymer 'CHLORIDE ION'
4 water water
#
_entity_poly.entity_id   1
_entity_poly.type   'polypeptide(L)'
_entity_poly.pdbx_seq_one_letter_code
;G(MSE)TRQRIAID(MSE)DEVLADTLGAVVKAVNERADLNIK(MSE)ESLNGKKLKH(MSE)IPEHEGLV(MSE)DILK
EPGFFRNLDV(MSE)PHAQEVVKQLNEHYDIYIATAA(MSE)DVPTSFHDKYEWLLEYFPFLDPQHFVFCGRKNIILADY
LIDDNPKQLEIFEGKSI(MSE)FTASHNVYEHRFERVSGWRDVKNYFNSIEK
;
_entity_poly.pdbx_strand_id   A,B
#
loop_
_chem_comp.id
_chem_comp.type
_chem_comp.name
_chem_comp.formula
CL non-polymer 'CHLORIDE ION' 'Cl -1'
MG non-polymer 'MAGNESIUM ION' 'Mg 2'
#
# COMPACT_ATOMS: atom_id res chain seq x y z
N THR A 3 3.95 -0.49 -23.64
CA THR A 3 3.75 -0.32 -22.16
C THR A 3 3.60 1.14 -21.70
N ARG A 4 2.79 1.34 -20.66
CA ARG A 4 2.59 2.65 -20.10
C ARG A 4 3.56 2.88 -18.97
N GLN A 5 4.10 4.09 -18.95
CA GLN A 5 4.82 4.55 -17.81
C GLN A 5 3.86 4.82 -16.66
N ARG A 6 4.40 4.96 -15.46
CA ARG A 6 3.59 5.04 -14.25
C ARG A 6 3.92 6.26 -13.45
N ILE A 7 2.89 6.91 -12.92
CA ILE A 7 3.04 8.07 -12.02
C ILE A 7 2.41 7.72 -10.70
N ALA A 8 3.20 7.81 -9.63
CA ALA A 8 2.70 7.70 -8.26
C ALA A 8 2.45 9.13 -7.72
N ILE A 9 1.28 9.33 -7.11
CA ILE A 9 0.84 10.67 -6.63
C ILE A 9 0.48 10.53 -5.11
N ASP A 10 1.04 11.42 -4.30
CA ASP A 10 0.77 11.55 -2.88
C ASP A 10 -0.59 12.19 -2.68
N MSE A 11 -1.27 11.91 -1.56
CA MSE A 11 -2.53 12.56 -1.23
CA MSE A 11 -2.54 12.57 -1.27
C MSE A 11 -2.41 13.93 -0.56
O MSE A 11 -2.76 14.96 -1.12
CB MSE A 11 -3.40 11.62 -0.40
CB MSE A 11 -3.51 11.63 -0.51
CG MSE A 11 -3.84 10.43 -1.20
CG MSE A 11 -4.91 11.55 -1.16
SE MSE A 11 -5.24 9.41 -0.35
SE MSE A 11 -6.15 10.46 -0.15
CE MSE A 11 -6.79 10.45 -0.92
CE MSE A 11 -4.87 9.12 0.15
N ASP A 12 -1.86 13.95 0.65
CA ASP A 12 -2.00 15.15 1.48
C ASP A 12 -1.06 16.25 1.02
N GLU A 13 -1.66 17.41 0.77
CA GLU A 13 -1.01 18.62 0.29
C GLU A 13 -0.60 18.47 -1.18
N VAL A 14 -1.23 17.53 -1.92
CA VAL A 14 -0.93 17.29 -3.35
C VAL A 14 -2.23 17.12 -4.05
N LEU A 15 -2.95 16.01 -3.79
CA LEU A 15 -4.28 15.87 -4.38
C LEU A 15 -5.35 16.57 -3.56
N ALA A 16 -5.13 16.61 -2.26
CA ALA A 16 -6.11 17.06 -1.26
C ALA A 16 -5.55 18.25 -0.51
N ASP A 17 -6.38 19.30 -0.37
CA ASP A 17 -5.94 20.49 0.37
C ASP A 17 -6.03 20.31 1.89
N THR A 18 -5.13 19.50 2.40
CA THR A 18 -5.11 19.15 3.82
CA THR A 18 -5.17 19.14 3.81
C THR A 18 -4.78 20.35 4.70
N LEU A 19 -3.88 21.22 4.25
CA LEU A 19 -3.44 22.32 5.10
C LEU A 19 -4.54 23.38 5.20
N GLY A 20 -5.24 23.63 4.09
CA GLY A 20 -6.39 24.55 4.08
C GLY A 20 -7.43 24.15 5.10
N ALA A 21 -7.67 22.84 5.20
CA ALA A 21 -8.66 22.31 6.10
C ALA A 21 -8.27 22.49 7.55
N VAL A 22 -7.01 22.22 7.85
CA VAL A 22 -6.50 22.28 9.20
C VAL A 22 -6.46 23.72 9.67
N VAL A 23 -6.05 24.64 8.78
CA VAL A 23 -5.96 26.04 9.15
C VAL A 23 -7.36 26.55 9.46
N LYS A 24 -8.31 26.19 8.60
CA LYS A 24 -9.70 26.60 8.75
C LYS A 24 -10.25 26.17 10.09
N ALA A 25 -10.00 24.91 10.43
CA ALA A 25 -10.49 24.32 11.69
C ALA A 25 -9.85 25.01 12.87
N VAL A 26 -8.53 25.14 12.85
CA VAL A 26 -7.81 25.88 13.90
C VAL A 26 -8.33 27.32 14.06
N ASN A 27 -8.54 28.02 12.96
CA ASN A 27 -9.07 29.39 13.03
C ASN A 27 -10.43 29.43 13.73
N GLU A 28 -11.34 28.54 13.31
CA GLU A 28 -12.70 28.46 13.87
C GLU A 28 -12.67 28.15 15.35
N ARG A 29 -11.91 27.13 15.74
CA ARG A 29 -11.90 26.70 17.14
C ARG A 29 -11.15 27.62 18.08
N ALA A 30 -9.88 27.88 17.78
CA ALA A 30 -9.09 28.74 18.64
C ALA A 30 -9.32 30.20 18.29
N ASP A 31 -10.36 30.49 17.49
CA ASP A 31 -10.75 31.86 17.12
C ASP A 31 -9.57 32.69 16.55
N LEU A 32 -8.63 32.01 15.87
CA LEU A 32 -7.43 32.64 15.34
C LEU A 32 -7.64 33.07 13.90
N ASN A 33 -6.62 33.69 13.32
CA ASN A 33 -6.67 34.05 11.92
C ASN A 33 -5.29 33.84 11.29
N ILE A 34 -4.76 32.63 11.53
CA ILE A 34 -3.45 32.21 11.02
C ILE A 34 -3.45 32.42 9.52
N LYS A 35 -2.36 33.00 9.03
CA LYS A 35 -2.18 33.31 7.63
C LYS A 35 -1.21 32.31 7.04
N MSE A 36 -1.43 31.94 5.79
CA MSE A 36 -0.57 30.97 5.11
C MSE A 36 0.83 31.55 4.91
O MSE A 36 1.81 30.84 4.97
CB MSE A 36 -1.14 30.57 3.74
CG MSE A 36 -2.59 30.06 3.72
SE MSE A 36 -2.95 28.35 4.63
CE MSE A 36 -4.91 28.50 4.76
N GLU A 37 0.89 32.87 4.69
CA GLU A 37 2.16 33.57 4.52
C GLU A 37 3.00 33.56 5.81
N SER A 38 2.37 33.21 6.93
CA SER A 38 3.10 32.99 8.17
C SER A 38 3.66 31.56 8.24
N LEU A 39 3.23 30.69 7.33
CA LEU A 39 3.55 29.26 7.40
C LEU A 39 4.69 28.85 6.45
N ASN A 40 5.28 29.80 5.75
CA ASN A 40 6.38 29.50 4.84
C ASN A 40 7.51 28.84 5.58
N GLY A 41 7.92 27.66 5.12
CA GLY A 41 8.99 26.92 5.74
C GLY A 41 8.55 26.14 6.96
N LYS A 42 7.27 26.22 7.32
CA LYS A 42 6.79 25.67 8.58
CA LYS A 42 6.78 25.69 8.59
C LYS A 42 5.73 24.59 8.36
N LYS A 43 5.60 23.68 9.33
CA LYS A 43 4.67 22.52 9.25
C LYS A 43 3.33 22.61 10.08
N LEU A 44 3.27 23.57 11.02
CA LEU A 44 2.12 23.76 11.96
C LEU A 44 1.87 22.53 12.84
N GLY A 53 -1.73 20.53 20.85
CA GLY A 53 -2.26 19.18 20.62
C GLY A 53 -3.47 19.09 19.69
N LEU A 54 -4.15 20.20 19.44
CA LEU A 54 -5.45 20.18 18.78
C LEU A 54 -5.37 20.04 17.26
N VAL A 55 -4.18 20.19 16.68
CA VAL A 55 -3.99 19.84 15.27
C VAL A 55 -4.07 18.31 15.07
N MSE A 56 -3.44 17.56 15.97
CA MSE A 56 -3.60 16.11 15.99
C MSE A 56 -5.04 15.71 16.23
O MSE A 56 -5.51 14.71 15.70
CB MSE A 56 -2.84 15.49 17.15
CG MSE A 56 -1.35 15.62 17.11
SE MSE A 56 -0.58 14.59 18.63
CE MSE A 56 -1.69 15.17 20.16
N ASP A 57 -5.72 16.46 17.09
CA ASP A 57 -7.11 16.17 17.39
C ASP A 57 -8.00 16.39 16.18
N ILE A 58 -7.77 17.51 15.49
CA ILE A 58 -8.48 17.79 14.24
C ILE A 58 -8.22 16.68 13.22
N LEU A 59 -6.96 16.30 13.07
CA LEU A 59 -6.60 15.31 12.04
C LEU A 59 -7.15 13.93 12.31
N LYS A 60 -7.34 13.60 13.59
CA LYS A 60 -7.78 12.29 14.00
C LYS A 60 -9.32 12.21 14.18
N GLU A 61 -10.05 13.30 13.94
CA GLU A 61 -11.53 13.23 14.01
C GLU A 61 -12.05 12.43 12.80
N PRO A 62 -12.94 11.42 13.03
CA PRO A 62 -13.49 10.66 11.91
C PRO A 62 -14.16 11.58 10.95
N GLY A 63 -13.90 11.39 9.67
CA GLY A 63 -14.46 12.25 8.62
C GLY A 63 -13.51 13.33 8.16
N PHE A 64 -12.44 13.62 8.90
CA PHE A 64 -11.56 14.74 8.51
C PHE A 64 -11.07 14.60 7.05
N PHE A 65 -10.49 13.45 6.72
CA PHE A 65 -9.99 13.24 5.38
C PHE A 65 -11.07 13.06 4.34
N ARG A 66 -12.30 12.74 4.76
CA ARG A 66 -13.39 12.56 3.85
C ARG A 66 -13.86 13.92 3.31
N ASN A 67 -13.68 14.96 4.11
CA ASN A 67 -14.25 16.26 3.82
C ASN A 67 -13.25 17.25 3.19
N LEU A 68 -12.06 16.80 2.81
CA LEU A 68 -11.06 17.69 2.22
C LEU A 68 -11.49 18.17 0.81
N ASP A 69 -11.16 19.42 0.49
CA ASP A 69 -11.27 19.90 -0.86
C ASP A 69 -10.17 19.27 -1.75
N VAL A 70 -10.51 19.09 -3.01
CA VAL A 70 -9.57 18.67 -4.00
C VAL A 70 -8.72 19.90 -4.39
N MSE A 71 -7.41 19.67 -4.50
CA MSE A 71 -6.49 20.69 -5.03
C MSE A 71 -6.93 21.17 -6.42
O MSE A 71 -7.41 20.41 -7.26
CB MSE A 71 -5.04 20.18 -5.01
CG MSE A 71 -3.99 21.21 -5.05
SE MSE A 71 -3.87 22.09 -3.27
CE MSE A 71 -2.67 20.89 -2.32
N PRO A 72 -6.85 22.49 -6.66
CA PRO A 72 -7.38 22.99 -7.91
C PRO A 72 -6.81 22.29 -9.15
N HIS A 73 -7.72 21.93 -10.06
CA HIS A 73 -7.42 21.25 -11.33
C HIS A 73 -6.91 19.82 -11.23
N ALA A 74 -6.84 19.25 -10.03
CA ALA A 74 -6.27 17.93 -9.87
C ALA A 74 -7.08 16.87 -10.59
N GLN A 75 -8.40 16.95 -10.56
CA GLN A 75 -9.26 15.92 -11.20
C GLN A 75 -9.05 15.92 -12.72
N GLU A 76 -9.01 17.13 -13.29
CA GLU A 76 -8.81 17.28 -14.73
C GLU A 76 -7.41 16.82 -15.18
N VAL A 77 -6.39 17.26 -14.47
CA VAL A 77 -5.04 16.97 -14.91
C VAL A 77 -4.66 15.49 -14.67
N VAL A 78 -5.09 14.92 -13.56
CA VAL A 78 -4.88 13.49 -13.32
C VAL A 78 -5.63 12.65 -14.31
N LYS A 79 -6.86 13.01 -14.67
CA LYS A 79 -7.60 12.29 -15.72
C LYS A 79 -6.87 12.35 -17.07
N GLN A 80 -6.35 13.52 -17.44
CA GLN A 80 -5.59 13.65 -18.69
C GLN A 80 -4.32 12.81 -18.65
N LEU A 81 -3.58 12.86 -17.54
CA LEU A 81 -2.37 12.06 -17.35
C LEU A 81 -2.65 10.56 -17.46
N ASN A 82 -3.79 10.15 -16.91
CA ASN A 82 -4.29 8.77 -17.02
C ASN A 82 -4.54 8.28 -18.46
N GLU A 83 -4.67 9.18 -19.44
CA GLU A 83 -4.76 8.77 -20.85
C GLU A 83 -3.45 8.13 -21.31
N HIS A 84 -2.33 8.52 -20.73
CA HIS A 84 -1.02 8.08 -21.18
C HIS A 84 -0.22 7.31 -20.19
N TYR A 85 -0.51 7.52 -18.93
CA TYR A 85 0.26 6.89 -17.82
C TYR A 85 -0.65 6.13 -16.90
N ASP A 86 -0.17 5.01 -16.38
CA ASP A 86 -0.90 4.38 -15.27
C ASP A 86 -0.70 5.21 -14.03
N ILE A 87 -1.75 5.40 -13.24
CA ILE A 87 -1.75 6.29 -12.09
C ILE A 87 -1.91 5.46 -10.81
N TYR A 88 -0.95 5.61 -9.88
CA TYR A 88 -1.06 5.02 -8.57
C TYR A 88 -1.15 6.13 -7.53
N ILE A 89 -1.90 5.89 -6.46
CA ILE A 89 -2.06 6.87 -5.38
C ILE A 89 -1.35 6.29 -4.19
N ALA A 90 -0.45 7.06 -3.55
CA ALA A 90 0.32 6.56 -2.43
C ALA A 90 0.04 7.43 -1.19
N THR A 91 -0.21 6.82 -0.05
CA THR A 91 -0.49 7.61 1.16
C THR A 91 -0.15 6.76 2.38
N ALA A 92 0.17 7.40 3.51
CA ALA A 92 0.14 6.72 4.81
C ALA A 92 -1.27 6.88 5.35
N ALA A 93 -1.67 5.91 6.19
CA ALA A 93 -3.05 5.86 6.68
C ALA A 93 -3.09 5.06 7.98
N VAL A 96 -3.96 7.36 13.09
CA VAL A 96 -4.84 7.41 11.94
C VAL A 96 -5.83 6.22 11.94
N PRO A 97 -6.85 6.24 12.82
CA PRO A 97 -7.75 5.07 12.92
C PRO A 97 -8.80 4.94 11.79
N THR A 98 -9.48 6.02 11.45
CA THR A 98 -10.55 6.01 10.43
C THR A 98 -10.01 6.52 9.10
N SER A 99 -8.73 6.89 9.09
CA SER A 99 -8.17 7.62 7.93
C SER A 99 -8.11 6.77 6.68
N PHE A 100 -7.81 5.48 6.85
CA PHE A 100 -7.79 4.56 5.69
C PHE A 100 -9.15 4.58 4.98
N HIS A 101 -10.22 4.37 5.74
CA HIS A 101 -11.55 4.36 5.13
C HIS A 101 -11.90 5.68 4.50
N ASP A 102 -11.65 6.76 5.23
CA ASP A 102 -11.99 8.12 4.75
C ASP A 102 -11.24 8.47 3.45
N LYS A 103 -9.95 8.15 3.40
CA LYS A 103 -9.12 8.40 2.23
C LYS A 103 -9.61 7.62 1.02
N TYR A 104 -9.93 6.34 1.19
CA TYR A 104 -10.34 5.56 0.05
C TYR A 104 -11.68 6.00 -0.47
N GLU A 105 -12.59 6.32 0.43
CA GLU A 105 -13.88 6.86 0.02
C GLU A 105 -13.73 8.17 -0.70
N TRP A 106 -12.85 9.02 -0.23
CA TRP A 106 -12.59 10.29 -0.90
C TRP A 106 -12.09 10.08 -2.33
N LEU A 107 -11.18 9.13 -2.50
CA LEU A 107 -10.67 8.81 -3.86
C LEU A 107 -11.76 8.26 -4.73
N LEU A 108 -12.61 7.40 -4.18
CA LEU A 108 -13.69 6.84 -4.96
C LEU A 108 -14.66 7.95 -5.38
N GLU A 109 -14.86 8.93 -4.51
CA GLU A 109 -15.77 10.00 -4.87
C GLU A 109 -15.23 10.96 -5.93
N TYR A 110 -13.98 11.42 -5.68
CA TYR A 110 -13.44 12.52 -6.44
C TYR A 110 -12.61 12.08 -7.63
N PHE A 111 -12.07 10.87 -7.54
CA PHE A 111 -11.27 10.29 -8.65
C PHE A 111 -11.86 8.94 -9.11
N PRO A 112 -13.13 8.91 -9.55
CA PRO A 112 -13.66 7.58 -9.81
C PRO A 112 -13.03 6.83 -11.00
N PHE A 113 -12.31 7.56 -11.85
CA PHE A 113 -11.65 6.99 -13.03
C PHE A 113 -10.40 6.25 -12.72
N LEU A 114 -9.89 6.42 -11.50
CA LEU A 114 -8.71 5.72 -11.06
C LEU A 114 -9.06 4.31 -10.58
N ASP A 115 -8.13 3.42 -10.68
CA ASP A 115 -8.40 2.06 -10.30
C ASP A 115 -7.99 1.86 -8.83
N PRO A 116 -8.92 1.43 -7.95
CA PRO A 116 -8.57 1.19 -6.56
C PRO A 116 -7.51 0.14 -6.31
N GLN A 117 -7.27 -0.71 -7.30
CA GLN A 117 -6.19 -1.66 -7.21
C GLN A 117 -4.83 -0.97 -7.26
N HIS A 118 -4.85 0.31 -7.62
CA HIS A 118 -3.66 1.14 -7.70
C HIS A 118 -3.53 2.09 -6.51
N PHE A 119 -4.31 1.87 -5.44
CA PHE A 119 -4.12 2.59 -4.18
C PHE A 119 -3.14 1.87 -3.28
N VAL A 120 -2.12 2.60 -2.88
CA VAL A 120 -1.00 2.09 -2.10
C VAL A 120 -0.89 2.78 -0.75
N PHE A 121 -1.02 2.02 0.30
CA PHE A 121 -0.85 2.50 1.68
C PHE A 121 0.51 2.02 2.24
N CYS A 122 1.47 2.94 2.34
CA CYS A 122 2.81 2.62 2.83
C CYS A 122 3.34 3.82 3.62
N GLY A 123 4.39 3.62 4.38
CA GLY A 123 4.99 4.73 5.09
C GLY A 123 6.13 5.40 4.35
N ARG A 124 6.96 4.62 3.68
CA ARG A 124 8.12 5.13 2.97
C ARG A 124 7.94 4.72 1.55
N LYS A 125 8.03 5.70 0.68
CA LYS A 125 7.72 5.49 -0.71
C LYS A 125 8.90 4.99 -1.57
N ASN A 126 10.05 4.68 -0.92
CA ASN A 126 11.18 3.93 -1.58
C ASN A 126 10.76 2.51 -2.05
N ILE A 127 9.56 2.04 -1.63
CA ILE A 127 9.04 0.75 -2.08
C ILE A 127 8.29 0.77 -3.39
N ILE A 128 8.02 1.98 -3.89
CA ILE A 128 7.19 2.16 -5.04
C ILE A 128 8.07 2.11 -6.31
N LEU A 129 7.70 1.21 -7.22
CA LEU A 129 8.24 1.14 -8.57
C LEU A 129 7.36 1.99 -9.50
N ALA A 130 7.82 3.19 -9.80
CA ALA A 130 7.18 4.05 -10.78
C ALA A 130 8.21 4.96 -11.44
N ASP A 131 7.86 5.45 -12.62
CA ASP A 131 8.70 6.38 -13.38
C ASP A 131 8.79 7.74 -12.70
N TYR A 132 7.73 8.13 -12.03
CA TYR A 132 7.58 9.46 -11.40
C TYR A 132 6.84 9.35 -10.10
N LEU A 133 7.26 10.22 -9.16
CA LEU A 133 6.45 10.46 -7.94
C LEU A 133 6.21 11.95 -7.77
N ILE A 134 4.93 12.34 -7.64
CA ILE A 134 4.59 13.70 -7.31
C ILE A 134 4.25 13.73 -5.82
N ASP A 135 5.05 14.44 -5.04
CA ASP A 135 4.93 14.45 -3.56
C ASP A 135 5.37 15.82 -3.04
N ASP A 136 4.80 16.27 -1.94
CA ASP A 136 5.32 17.48 -1.28
C ASP A 136 6.47 17.29 -0.25
N ASN A 137 6.74 16.07 0.17
CA ASN A 137 7.64 15.82 1.26
C ASN A 137 9.04 15.49 0.73
N PRO A 138 10.02 16.39 0.95
CA PRO A 138 11.35 16.12 0.44
C PRO A 138 12.01 14.85 1.00
N LYS A 139 11.61 14.40 2.19
CA LYS A 139 12.09 13.13 2.73
C LYS A 139 11.68 11.89 1.91
N GLN A 140 10.49 11.91 1.32
CA GLN A 140 9.97 10.88 0.41
C GLN A 140 10.65 11.01 -0.95
N LEU A 141 10.79 12.25 -1.41
CA LEU A 141 11.38 12.53 -2.72
C LEU A 141 12.81 12.06 -2.75
N GLU A 142 13.54 12.20 -1.65
CA GLU A 142 14.96 11.80 -1.60
C GLU A 142 15.20 10.28 -1.67
N ILE A 143 14.22 9.49 -1.21
CA ILE A 143 14.36 8.05 -1.19
C ILE A 143 13.70 7.33 -2.36
N PHE A 144 12.82 8.02 -3.11
CA PHE A 144 12.11 7.49 -4.30
C PHE A 144 13.16 7.19 -5.36
N GLU A 145 13.05 6.04 -6.02
CA GLU A 145 14.02 5.63 -7.06
C GLU A 145 13.71 5.96 -8.51
N GLY A 146 12.50 6.45 -8.75
CA GLY A 146 12.12 7.12 -9.99
C GLY A 146 12.47 8.59 -10.05
N LYS A 147 11.85 9.30 -10.97
CA LYS A 147 11.99 10.75 -11.07
C LYS A 147 11.07 11.38 -10.00
N SER A 148 11.68 12.13 -9.09
CA SER A 148 10.99 12.83 -7.99
C SER A 148 10.53 14.20 -8.47
N ILE A 149 9.24 14.48 -8.36
CA ILE A 149 8.66 15.75 -8.77
CA ILE A 149 8.75 15.81 -8.71
C ILE A 149 8.11 16.42 -7.48
N MSE A 150 8.68 17.54 -7.05
CA MSE A 150 8.21 18.22 -5.85
C MSE A 150 7.00 19.13 -6.12
O MSE A 150 7.11 20.12 -6.88
CB MSE A 150 9.36 18.98 -5.16
CG MSE A 150 8.94 19.77 -3.96
SE MSE A 150 10.46 20.39 -3.01
CE MSE A 150 10.68 18.88 -1.89
N PHE A 151 5.90 18.83 -5.44
CA PHE A 151 4.71 19.64 -5.52
C PHE A 151 4.77 20.72 -4.43
N THR A 152 4.65 21.99 -4.81
CA THR A 152 4.87 23.06 -3.89
C THR A 152 3.87 23.08 -2.74
N ALA A 153 4.41 23.25 -1.52
CA ALA A 153 3.65 23.41 -0.32
C ALA A 153 4.37 24.42 0.57
N SER A 154 3.66 25.08 1.48
CA SER A 154 4.29 26.06 2.38
CA SER A 154 4.31 26.08 2.33
C SER A 154 5.55 25.56 3.05
N HIS A 155 5.50 24.34 3.55
CA HIS A 155 6.62 23.81 4.30
C HIS A 155 7.91 23.60 3.45
N ASN A 156 7.78 23.42 2.12
CA ASN A 156 8.94 23.01 1.27
C ASN A 156 9.55 24.12 0.43
N VAL A 157 9.12 25.35 0.66
CA VAL A 157 9.49 26.43 -0.26
C VAL A 157 10.99 26.74 -0.33
N TYR A 158 11.77 26.30 0.66
CA TYR A 158 13.24 26.48 0.62
C TYR A 158 14.01 25.25 0.17
N GLU A 159 13.32 24.19 -0.23
CA GLU A 159 13.95 23.00 -0.74
C GLU A 159 14.25 23.24 -2.22
N HIS A 160 15.46 22.90 -2.65
CA HIS A 160 15.89 23.13 -4.02
C HIS A 160 16.43 21.94 -4.78
N ARG A 161 16.55 20.79 -4.14
CA ARG A 161 17.13 19.65 -4.81
C ARG A 161 16.30 19.05 -5.93
N PHE A 162 14.98 19.20 -5.90
CA PHE A 162 14.13 18.44 -6.77
C PHE A 162 13.48 19.35 -7.76
N GLU A 163 13.23 18.82 -8.96
CA GLU A 163 12.32 19.50 -9.90
C GLU A 163 10.99 19.95 -9.24
N ARG A 164 10.65 21.23 -9.34
CA ARG A 164 9.47 21.82 -8.68
C ARG A 164 8.29 22.11 -9.59
N VAL A 165 7.10 21.68 -9.18
CA VAL A 165 5.87 22.07 -9.87
C VAL A 165 5.00 22.80 -8.84
N SER A 166 4.42 23.91 -9.26
CA SER A 166 3.54 24.70 -8.41
C SER A 166 2.13 24.63 -8.95
N GLY A 167 1.37 23.65 -8.47
CA GLY A 167 -0.03 23.50 -8.83
C GLY A 167 -0.16 22.50 -9.96
N TRP A 168 -1.38 22.01 -10.16
CA TRP A 168 -1.68 20.99 -11.15
C TRP A 168 -1.56 21.44 -12.62
N ARG A 169 -1.89 22.71 -12.97
CA ARG A 169 -1.65 23.15 -14.34
C ARG A 169 -0.16 23.23 -14.62
N ASP A 170 0.66 23.43 -13.59
CA ASP A 170 2.11 23.33 -13.76
C ASP A 170 2.60 21.86 -13.93
N VAL A 171 1.93 20.92 -13.24
CA VAL A 171 2.20 19.52 -13.44
C VAL A 171 1.88 19.20 -14.89
N LYS A 172 0.75 19.66 -15.43
CA LYS A 172 0.43 19.37 -16.83
C LYS A 172 1.47 19.95 -17.77
N ASN A 173 1.91 21.17 -17.48
CA ASN A 173 2.95 21.78 -18.29
C ASN A 173 4.26 21.00 -18.22
N TYR A 174 4.60 20.47 -17.05
CA TYR A 174 5.77 19.58 -16.98
C TYR A 174 5.68 18.33 -17.89
N PHE A 175 4.57 17.60 -17.79
CA PHE A 175 4.42 16.40 -18.63
C PHE A 175 4.27 16.71 -20.11
N ASN A 176 3.60 17.81 -20.43
CA ASN A 176 3.57 18.28 -21.83
C ASN A 176 4.97 18.53 -22.42
N SER A 177 5.86 19.08 -21.60
CA SER A 177 7.17 19.49 -22.07
C SER A 177 8.06 18.31 -22.35
N ILE A 178 7.80 17.18 -21.69
CA ILE A 178 8.61 16.02 -21.98
C ILE A 178 8.02 15.16 -23.13
N GLU A 179 6.84 15.51 -23.64
CA GLU A 179 6.18 14.71 -24.69
C GLU A 179 6.62 15.16 -26.09
N ARG B 4 22.48 -5.30 -1.34
CA ARG B 4 21.54 -5.96 -0.38
C ARG B 4 20.13 -5.99 -0.97
N GLN B 5 19.64 -7.16 -1.27
CA GLN B 5 18.47 -7.23 -2.12
C GLN B 5 17.22 -7.24 -1.23
N ARG B 6 16.08 -7.05 -1.86
CA ARG B 6 14.81 -6.92 -1.19
C ARG B 6 13.89 -8.05 -1.63
N ILE B 7 13.27 -8.71 -0.65
CA ILE B 7 12.24 -9.72 -0.87
C ILE B 7 10.90 -9.20 -0.34
N ALA B 8 9.88 -9.16 -1.18
CA ALA B 8 8.53 -8.86 -0.80
C ALA B 8 7.75 -10.16 -0.63
N ILE B 9 7.01 -10.23 0.47
CA ILE B 9 6.31 -11.46 0.89
C ILE B 9 4.83 -11.16 1.06
N ASP B 10 3.97 -11.91 0.38
CA ASP B 10 2.54 -11.83 0.54
C ASP B 10 2.11 -12.42 1.88
N MSE B 11 1.00 -11.98 2.42
CA MSE B 11 0.51 -12.54 3.68
CA MSE B 11 0.51 -12.52 3.68
C MSE B 11 -0.41 -13.76 3.52
O MSE B 11 -0.06 -14.84 3.96
CB MSE B 11 -0.22 -11.47 4.52
CB MSE B 11 -0.22 -11.44 4.48
CG MSE B 11 0.69 -10.42 5.10
CG MSE B 11 -0.39 -11.80 5.93
SE MSE B 11 -0.39 -9.21 6.17
SE MSE B 11 -1.18 -10.37 7.00
CE MSE B 11 -1.69 -10.45 6.62
CE MSE B 11 -0.39 -8.80 6.15
N ASP B 12 -1.58 -13.62 2.91
CA ASP B 12 -2.58 -14.68 2.88
C ASP B 12 -2.20 -15.86 2.03
N GLU B 13 -2.19 -17.03 2.68
CA GLU B 13 -1.80 -18.31 2.09
C GLU B 13 -0.29 -18.47 1.88
N VAL B 14 0.46 -17.54 2.41
CA VAL B 14 1.91 -17.54 2.31
C VAL B 14 2.53 -17.44 3.69
N LEU B 15 2.29 -16.34 4.38
CA LEU B 15 2.67 -16.21 5.80
C LEU B 15 1.60 -16.71 6.76
N ALA B 16 0.33 -16.40 6.46
CA ALA B 16 -0.82 -16.73 7.29
C ALA B 16 -1.68 -17.80 6.64
N ASP B 17 -2.20 -18.70 7.48
CA ASP B 17 -3.03 -19.82 6.99
C ASP B 17 -4.45 -19.38 6.92
N THR B 18 -4.72 -18.58 5.91
CA THR B 18 -6.04 -18.01 5.71
CA THR B 18 -6.05 -18.03 5.69
C THR B 18 -7.08 -19.06 5.25
N LEU B 19 -6.68 -19.95 4.37
CA LEU B 19 -7.58 -20.97 3.90
C LEU B 19 -7.98 -21.96 5.00
N GLY B 20 -7.01 -22.42 5.80
CA GLY B 20 -7.32 -23.33 6.90
C GLY B 20 -8.35 -22.71 7.84
N ALA B 21 -8.26 -21.41 8.06
CA ALA B 21 -9.15 -20.72 8.97
C ALA B 21 -10.57 -20.64 8.43
N VAL B 22 -10.69 -20.36 7.14
CA VAL B 22 -12.00 -20.27 6.51
C VAL B 22 -12.68 -21.65 6.47
N VAL B 23 -11.97 -22.65 5.97
CA VAL B 23 -12.53 -24.00 5.96
C VAL B 23 -12.96 -24.47 7.36
N LYS B 24 -12.14 -24.23 8.38
CA LYS B 24 -12.51 -24.62 9.72
C LYS B 24 -13.81 -23.97 10.17
N ALA B 25 -13.93 -22.68 9.91
CA ALA B 25 -15.15 -21.95 10.29
C ALA B 25 -16.36 -22.46 9.52
N VAL B 26 -16.20 -22.66 8.21
CA VAL B 26 -17.30 -23.19 7.39
C VAL B 26 -17.73 -24.59 7.91
N ASN B 27 -16.78 -25.47 8.19
CA ASN B 27 -17.08 -26.79 8.69
C ASN B 27 -17.82 -26.79 10.03
N GLU B 28 -17.39 -25.92 10.92
CA GLU B 28 -18.08 -25.73 12.20
C GLU B 28 -19.49 -25.20 12.05
N ARG B 29 -19.67 -24.17 11.23
CA ARG B 29 -20.96 -23.49 11.19
C ARG B 29 -22.00 -24.19 10.35
N ALA B 30 -21.62 -24.61 9.15
CA ALA B 30 -22.57 -25.28 8.25
C ALA B 30 -22.52 -26.79 8.41
N ASP B 31 -21.74 -27.27 9.39
CA ASP B 31 -21.67 -28.70 9.75
C ASP B 31 -21.26 -29.55 8.55
N LEU B 32 -20.11 -29.19 7.99
CA LEU B 32 -19.56 -29.87 6.83
C LEU B 32 -18.24 -30.53 7.19
N ASN B 33 -17.70 -31.29 6.23
CA ASN B 33 -16.43 -31.99 6.34
C ASN B 33 -15.53 -31.68 5.14
N ILE B 34 -15.47 -30.43 4.74
CA ILE B 34 -14.61 -30.06 3.63
C ILE B 34 -13.15 -30.47 3.93
N LYS B 35 -12.58 -31.23 3.01
CA LYS B 35 -11.19 -31.64 3.08
C LYS B 35 -10.34 -30.68 2.22
N MSE B 36 -9.16 -30.36 2.72
CA MSE B 36 -8.22 -29.50 2.04
C MSE B 36 -7.88 -30.00 0.60
O MSE B 36 -7.80 -29.19 -0.34
CB MSE B 36 -6.93 -29.40 2.87
CG MSE B 36 -7.05 -28.73 4.24
SE MSE B 36 -8.04 -27.00 4.32
CE MSE B 36 -6.53 -25.78 3.94
N GLU B 37 -7.66 -31.30 0.46
CA GLU B 37 -7.34 -31.91 -0.83
C GLU B 37 -8.37 -31.59 -1.91
N SER B 38 -9.64 -31.55 -1.53
CA SER B 38 -10.73 -31.32 -2.46
C SER B 38 -10.71 -29.93 -3.12
N LEU B 39 -9.95 -29.01 -2.54
CA LEU B 39 -9.78 -27.67 -3.08
C LEU B 39 -8.65 -27.52 -4.07
N ASN B 40 -7.94 -28.60 -4.40
CA ASN B 40 -6.86 -28.48 -5.40
C ASN B 40 -7.33 -27.97 -6.76
N GLY B 41 -6.63 -26.94 -7.26
CA GLY B 41 -7.01 -26.30 -8.52
C GLY B 41 -8.31 -25.51 -8.50
N LYS B 42 -8.85 -25.26 -7.31
CA LYS B 42 -10.19 -24.70 -7.15
C LYS B 42 -10.13 -23.60 -6.10
N LYS B 43 -11.20 -22.82 -6.04
CA LYS B 43 -11.36 -21.80 -5.03
C LYS B 43 -12.55 -22.23 -4.17
N LEU B 44 -12.47 -22.00 -2.87
CA LEU B 44 -13.48 -22.50 -1.93
C LEU B 44 -14.85 -21.90 -2.20
N GLY B 53 -20.74 -17.26 0.41
CA GLY B 53 -21.60 -16.29 1.08
C GLY B 53 -21.29 -16.20 2.56
N LEU B 54 -21.47 -17.32 3.26
CA LEU B 54 -20.97 -17.48 4.62
C LEU B 54 -19.47 -17.21 4.64
N VAL B 55 -18.78 -17.53 3.54
CA VAL B 55 -17.32 -17.39 3.48
C VAL B 55 -16.96 -15.92 3.51
N MSE B 56 -17.65 -15.13 2.70
CA MSE B 56 -17.45 -13.70 2.72
C MSE B 56 -17.73 -13.13 4.09
O MSE B 56 -16.99 -12.25 4.57
CB MSE B 56 -18.35 -13.02 1.67
CG MSE B 56 -17.76 -13.09 0.26
SE MSE B 56 -15.95 -12.32 0.25
CE MSE B 56 -16.41 -10.47 0.72
N ASP B 57 -18.76 -13.65 4.76
CA ASP B 57 -19.11 -13.10 6.08
C ASP B 57 -18.08 -13.54 7.11
N ILE B 58 -17.50 -14.73 6.94
CA ILE B 58 -16.40 -15.17 7.79
C ILE B 58 -15.17 -14.27 7.64
N LEU B 59 -14.84 -13.92 6.41
CA LEU B 59 -13.67 -13.10 6.15
C LEU B 59 -13.82 -11.68 6.64
N LYS B 60 -15.06 -11.19 6.67
CA LYS B 60 -15.35 -9.80 7.01
C LYS B 60 -15.63 -9.64 8.52
N GLU B 61 -15.71 -10.73 9.29
CA GLU B 61 -15.85 -10.61 10.74
C GLU B 61 -14.63 -9.97 11.37
N PRO B 62 -14.81 -8.93 12.22
CA PRO B 62 -13.70 -8.36 12.96
C PRO B 62 -12.93 -9.41 13.74
N GLY B 63 -11.61 -9.30 13.71
CA GLY B 63 -10.72 -10.27 14.32
C GLY B 63 -10.27 -11.45 13.47
N PHE B 64 -10.92 -11.71 12.34
CA PHE B 64 -10.58 -12.90 11.54
C PHE B 64 -9.13 -12.93 11.18
N PHE B 65 -8.60 -11.84 10.64
CA PHE B 65 -7.20 -11.79 10.25
C PHE B 65 -6.25 -11.71 11.44
N ARG B 66 -6.77 -11.33 12.60
CA ARG B 66 -5.98 -11.25 13.82
C ARG B 66 -5.59 -12.63 14.36
N ASN B 67 -6.44 -13.62 14.10
CA ASN B 67 -6.40 -14.91 14.78
C ASN B 67 -5.81 -16.02 13.95
N LEU B 68 -5.35 -15.71 12.75
CA LEU B 68 -4.80 -16.71 11.85
C LEU B 68 -3.54 -17.38 12.39
N ASP B 69 -3.35 -18.67 12.07
CA ASP B 69 -2.08 -19.35 12.30
C ASP B 69 -1.04 -18.89 11.29
N VAL B 70 0.20 -18.93 11.76
CA VAL B 70 1.41 -18.71 10.95
CA VAL B 70 1.36 -18.69 10.92
C VAL B 70 1.70 -20.01 10.21
N MSE B 71 2.13 -19.91 8.98
CA MSE B 71 2.48 -21.07 8.18
C MSE B 71 3.73 -21.73 8.77
O MSE B 71 4.55 -21.04 9.37
CB MSE B 71 2.65 -20.65 6.72
CG MSE B 71 1.32 -20.30 6.10
SE MSE B 71 0.38 -21.92 5.63
CE MSE B 71 -0.37 -20.93 4.18
N PRO B 72 3.82 -23.08 8.70
CA PRO B 72 4.96 -23.74 9.32
C PRO B 72 6.30 -23.21 8.80
N HIS B 73 7.16 -22.93 9.77
CA HIS B 73 8.56 -22.51 9.58
C HIS B 73 8.72 -21.07 9.09
N ALA B 74 7.62 -20.33 8.90
CA ALA B 74 7.73 -19.00 8.28
C ALA B 74 8.49 -18.03 9.14
N GLN B 75 8.25 -18.02 10.45
CA GLN B 75 9.00 -17.12 11.35
C GLN B 75 10.49 -17.36 11.36
N GLU B 76 10.89 -18.62 11.46
CA GLU B 76 12.31 -18.95 11.56
C GLU B 76 12.99 -18.64 10.25
N VAL B 77 12.34 -18.94 9.14
CA VAL B 77 12.94 -18.72 7.82
C VAL B 77 13.04 -17.22 7.50
N VAL B 78 11.98 -16.48 7.78
CA VAL B 78 11.99 -15.04 7.45
C VAL B 78 13.04 -14.34 8.34
N LYS B 79 13.20 -14.76 9.59
CA LYS B 79 14.16 -14.19 10.47
C LYS B 79 15.60 -14.45 9.94
N GLN B 80 15.83 -15.65 9.42
CA GLN B 80 17.06 -15.95 8.71
C GLN B 80 17.31 -15.10 7.45
N LEU B 81 16.31 -14.99 6.60
CA LEU B 81 16.43 -14.27 5.34
C LEU B 81 16.73 -12.80 5.63
N ASN B 82 16.09 -12.27 6.69
CA ASN B 82 16.33 -10.90 7.17
C ASN B 82 17.80 -10.56 7.54
N GLU B 83 18.65 -11.54 7.80
CA GLU B 83 20.07 -11.31 8.03
C GLU B 83 20.78 -10.83 6.78
N HIS B 84 20.33 -11.26 5.61
CA HIS B 84 20.97 -10.89 4.35
C HIS B 84 20.11 -10.12 3.37
N TYR B 85 18.79 -10.08 3.57
CA TYR B 85 17.86 -9.44 2.63
C TYR B 85 17.03 -8.42 3.41
N ASP B 86 16.66 -7.32 2.78
CA ASP B 86 15.59 -6.47 3.32
C ASP B 86 14.24 -7.12 3.05
N ILE B 87 13.44 -7.26 4.09
CA ILE B 87 12.12 -7.86 3.94
C ILE B 87 10.98 -6.84 3.99
N TYR B 88 10.10 -6.91 3.00
CA TYR B 88 8.81 -6.22 2.99
C TYR B 88 7.64 -7.19 2.94
N ILE B 89 6.53 -6.79 3.54
CA ILE B 89 5.34 -7.62 3.57
C ILE B 89 4.33 -6.85 2.80
N ALA B 90 3.63 -7.51 1.90
CA ALA B 90 2.68 -6.85 1.04
C ALA B 90 1.36 -7.59 1.08
N THR B 91 0.26 -6.85 1.07
CA THR B 91 -1.04 -7.47 1.26
C THR B 91 -2.09 -6.55 0.72
N ALA B 92 -3.25 -7.10 0.35
CA ALA B 92 -4.35 -6.30 -0.19
C ALA B 92 -4.92 -5.45 0.90
N ALA B 93 -5.36 -4.25 0.50
CA ALA B 93 -6.04 -3.30 1.36
C ALA B 93 -7.54 -3.33 1.04
N MSE B 94 -7.89 -3.22 -0.25
CA MSE B 94 -9.28 -3.03 -0.68
C MSE B 94 -10.01 -4.36 -0.74
O MSE B 94 -11.21 -4.39 -0.90
CB MSE B 94 -9.35 -2.35 -2.04
CG MSE B 94 -8.68 -0.98 -2.09
SE MSE B 94 -9.36 0.31 -0.76
CE MSE B 94 -10.78 1.19 -1.84
N ASP B 95 -9.27 -5.47 -0.65
CA ASP B 95 -9.86 -6.74 -0.33
C ASP B 95 -10.04 -6.70 1.17
N VAL B 96 -11.31 -6.76 1.59
CA VAL B 96 -11.74 -6.71 2.99
C VAL B 96 -11.18 -5.44 3.67
N PRO B 97 -11.72 -4.25 3.30
CA PRO B 97 -11.29 -2.97 3.84
C PRO B 97 -11.24 -2.95 5.36
N THR B 98 -12.25 -3.54 5.98
CA THR B 98 -12.42 -3.48 7.43
C THR B 98 -11.33 -4.25 8.26
N SER B 99 -10.52 -5.08 7.59
CA SER B 99 -9.41 -5.87 8.19
C SER B 99 -7.96 -5.30 8.06
N PHE B 100 -7.88 -4.11 7.48
CA PHE B 100 -6.67 -3.33 7.41
C PHE B 100 -5.88 -3.34 8.75
N HIS B 101 -6.52 -2.91 9.84
CA HIS B 101 -5.87 -2.89 11.14
C HIS B 101 -5.50 -4.25 11.74
N ASP B 102 -6.38 -5.24 11.60
CA ASP B 102 -6.10 -6.60 12.11
C ASP B 102 -4.90 -7.24 11.42
N LYS B 103 -4.75 -7.03 10.11
CA LYS B 103 -3.58 -7.58 9.41
C LYS B 103 -2.29 -6.98 9.95
N TYR B 104 -2.29 -5.67 10.13
CA TYR B 104 -1.14 -4.95 10.62
C TYR B 104 -0.76 -5.46 12.01
N GLU B 105 -1.77 -5.63 12.85
CA GLU B 105 -1.54 -6.11 14.18
C GLU B 105 -1.05 -7.57 14.22
N TRP B 106 -1.54 -8.40 13.30
CA TRP B 106 -1.00 -9.76 13.17
C TRP B 106 0.50 -9.77 12.83
N LEU B 107 0.90 -8.89 11.92
CA LEU B 107 2.30 -8.80 11.51
C LEU B 107 3.16 -8.34 12.66
N LEU B 108 2.70 -7.36 13.40
CA LEU B 108 3.42 -6.91 14.59
C LEU B 108 3.57 -8.04 15.61
N GLU B 109 2.53 -8.85 15.83
CA GLU B 109 2.62 -9.93 16.79
C GLU B 109 3.57 -11.05 16.38
N TYR B 110 3.47 -11.51 15.14
CA TYR B 110 4.20 -12.71 14.68
C TYR B 110 5.52 -12.42 13.98
N PHE B 111 5.70 -11.20 13.47
CA PHE B 111 6.95 -10.81 12.83
C PHE B 111 7.51 -9.54 13.46
N PRO B 112 7.72 -9.58 14.77
CA PRO B 112 8.08 -8.38 15.53
C PRO B 112 9.48 -7.84 15.23
N PHE B 113 10.32 -8.65 14.62
CA PHE B 113 11.69 -8.32 14.27
C PHE B 113 11.79 -7.54 12.94
N LEU B 114 10.67 -7.41 12.23
CA LEU B 114 10.70 -6.65 11.00
C LEU B 114 10.36 -5.21 11.28
N ASP B 115 10.92 -4.32 10.50
CA ASP B 115 10.59 -2.91 10.56
C ASP B 115 9.14 -2.69 10.13
N PRO B 116 8.29 -2.10 11.02
CA PRO B 116 6.89 -1.88 10.66
C PRO B 116 6.66 -0.98 9.47
N GLN B 117 7.62 -0.14 9.13
CA GLN B 117 7.57 0.65 7.91
C GLN B 117 7.67 -0.14 6.62
N HIS B 118 8.04 -1.42 6.71
CA HIS B 118 8.16 -2.29 5.55
C HIS B 118 6.87 -3.05 5.25
N PHE B 119 5.77 -2.64 5.86
CA PHE B 119 4.48 -3.25 5.58
C PHE B 119 3.73 -2.39 4.60
N VAL B 120 3.39 -2.94 3.46
CA VAL B 120 2.72 -2.19 2.41
C VAL B 120 1.37 -2.86 2.10
N PHE B 121 0.34 -2.05 1.97
CA PHE B 121 -0.99 -2.46 1.52
C PHE B 121 -1.27 -1.93 0.10
N CYS B 122 -1.52 -2.84 -0.83
CA CYS B 122 -1.72 -2.49 -2.21
C CYS B 122 -2.57 -3.57 -2.89
N GLY B 123 -3.15 -3.29 -4.05
CA GLY B 123 -3.83 -4.29 -4.85
C GLY B 123 -2.78 -4.97 -5.69
N ARG B 124 -2.40 -4.35 -6.76
CA ARG B 124 -1.55 -4.95 -7.76
C ARG B 124 -0.13 -4.75 -7.28
N LYS B 125 0.60 -5.85 -7.21
CA LYS B 125 1.93 -5.83 -6.64
C LYS B 125 3.01 -5.45 -7.65
N ASN B 126 2.62 -5.13 -8.88
CA ASN B 126 3.59 -4.59 -9.82
C ASN B 126 4.12 -3.22 -9.40
N ILE B 127 3.46 -2.59 -8.44
CA ILE B 127 3.90 -1.32 -7.87
C ILE B 127 5.08 -1.51 -6.91
N ILE B 128 5.36 -2.73 -6.53
CA ILE B 128 6.39 -2.99 -5.54
C ILE B 128 7.78 -3.09 -6.18
N LEU B 129 8.70 -2.26 -5.67
CA LEU B 129 10.09 -2.28 -6.10
C LEU B 129 10.87 -3.28 -5.22
N ALA B 130 11.13 -4.48 -5.71
CA ALA B 130 11.90 -5.50 -4.97
C ALA B 130 12.48 -6.48 -5.96
N ASP B 131 13.48 -7.21 -5.49
CA ASP B 131 14.19 -8.18 -6.34
C ASP B 131 13.41 -9.51 -6.45
N TYR B 132 12.69 -9.85 -5.37
CA TYR B 132 11.89 -11.09 -5.32
C TYR B 132 10.50 -10.84 -4.76
N LEU B 133 9.48 -11.60 -5.21
CA LEU B 133 8.15 -11.61 -4.60
C LEU B 133 7.73 -13.03 -4.38
N ILE B 134 7.38 -13.37 -3.14
CA ILE B 134 6.89 -14.70 -2.75
C ILE B 134 5.37 -14.55 -2.63
N ASP B 135 4.62 -15.18 -3.50
CA ASP B 135 3.16 -14.98 -3.54
C ASP B 135 2.53 -16.26 -3.99
N ASP B 136 1.36 -16.57 -3.48
CA ASP B 136 0.56 -17.66 -4.09
C ASP B 136 -0.29 -17.35 -5.35
N ASN B 137 -0.55 -16.08 -5.70
CA ASN B 137 -1.53 -15.72 -6.72
C ASN B 137 -0.81 -15.51 -8.02
N PRO B 138 -1.08 -16.38 -9.01
CA PRO B 138 -0.46 -16.24 -10.32
C PRO B 138 -0.67 -14.87 -10.97
N LYS B 139 -1.78 -14.21 -10.66
CA LYS B 139 -2.13 -12.95 -11.27
C LYS B 139 -1.18 -11.88 -10.75
N GLN B 140 -0.67 -12.03 -9.52
CA GLN B 140 0.35 -11.10 -9.07
C GLN B 140 1.73 -11.49 -9.54
N LEU B 141 2.02 -12.77 -9.58
CA LEU B 141 3.29 -13.24 -10.10
C LEU B 141 3.51 -12.87 -11.54
N GLU B 142 2.45 -12.84 -12.33
CA GLU B 142 2.63 -12.50 -13.73
C GLU B 142 2.92 -11.02 -14.00
N ILE B 143 2.60 -10.14 -13.03
CA ILE B 143 2.77 -8.69 -13.29
C ILE B 143 3.95 -8.09 -12.52
N PHE B 144 4.44 -8.81 -11.53
CA PHE B 144 5.56 -8.38 -10.70
C PHE B 144 6.83 -8.24 -11.55
N GLU B 145 7.61 -7.17 -11.32
CA GLU B 145 8.74 -6.82 -12.21
C GLU B 145 10.09 -7.30 -11.75
N GLY B 146 10.13 -7.94 -10.59
CA GLY B 146 11.32 -8.67 -10.12
C GLY B 146 11.16 -10.14 -10.43
N LYS B 147 11.89 -10.97 -9.71
CA LYS B 147 11.79 -12.43 -9.81
C LYS B 147 10.58 -12.90 -9.00
N SER B 148 9.67 -13.58 -9.66
CA SER B 148 8.46 -14.13 -9.06
C SER B 148 8.67 -15.55 -8.58
N ILE B 149 8.33 -15.77 -7.31
CA ILE B 149 8.47 -17.08 -6.68
CA ILE B 149 8.48 -17.08 -6.67
C ILE B 149 7.09 -17.52 -6.21
N MSE B 150 6.60 -18.63 -6.75
CA MSE B 150 5.24 -19.08 -6.43
CA MSE B 150 5.24 -19.07 -6.43
C MSE B 150 5.25 -19.99 -5.22
O MSE B 150 5.86 -21.05 -5.26
CB MSE B 150 4.61 -19.81 -7.62
CB MSE B 150 4.59 -19.80 -7.61
CG MSE B 150 3.21 -20.35 -7.35
CG MSE B 150 3.24 -20.43 -7.27
SE MSE B 150 2.33 -20.92 -8.99
SE MSE B 150 2.33 -21.08 -8.86
CE MSE B 150 3.75 -22.15 -9.72
CE MSE B 150 1.33 -19.53 -9.22
N PHE B 151 4.54 -19.58 -4.17
CA PHE B 151 4.39 -20.36 -2.96
C PHE B 151 3.20 -21.26 -3.18
N THR B 152 3.39 -22.56 -3.08
CA THR B 152 2.26 -23.50 -3.28
C THR B 152 1.04 -23.31 -2.38
N ALA B 153 -0.13 -23.32 -3.01
CA ALA B 153 -1.44 -23.25 -2.33
C ALA B 153 -2.36 -24.17 -3.12
N SER B 154 -3.43 -24.66 -2.50
CA SER B 154 -4.32 -25.58 -3.16
C SER B 154 -4.81 -25.01 -4.48
N HIS B 155 -5.16 -23.73 -4.53
CA HIS B 155 -5.70 -23.19 -5.78
C HIS B 155 -4.70 -23.13 -6.95
N ASN B 156 -3.39 -23.13 -6.70
CA ASN B 156 -2.38 -22.93 -7.77
C ASN B 156 -1.60 -24.18 -8.14
N VAL B 157 -2.00 -25.34 -7.63
CA VAL B 157 -1.18 -26.55 -7.79
C VAL B 157 -0.99 -26.98 -9.26
N TYR B 158 -1.86 -26.53 -10.15
CA TYR B 158 -1.72 -26.84 -11.62
C TYR B 158 -1.07 -25.73 -12.50
N GLU B 159 -0.66 -24.62 -11.89
CA GLU B 159 0.09 -23.56 -12.55
C GLU B 159 1.56 -23.98 -12.79
N HIS B 160 2.09 -23.74 -13.98
CA HIS B 160 3.45 -24.12 -14.26
C HIS B 160 4.44 -23.01 -14.64
N ARG B 161 3.98 -21.78 -14.81
CA ARG B 161 4.82 -20.72 -15.40
C ARG B 161 5.98 -20.26 -14.53
N PHE B 162 5.85 -20.39 -13.20
CA PHE B 162 6.74 -19.73 -12.24
C PHE B 162 7.54 -20.75 -11.49
N GLU B 163 8.71 -20.30 -11.09
CA GLU B 163 9.52 -20.97 -10.11
C GLU B 163 8.66 -21.26 -8.89
N ARG B 164 8.67 -22.52 -8.43
CA ARG B 164 7.72 -22.95 -7.37
C ARG B 164 8.45 -23.33 -6.08
N VAL B 165 7.92 -22.91 -4.96
CA VAL B 165 8.39 -23.35 -3.66
C VAL B 165 7.23 -23.94 -2.86
N SER B 166 7.36 -25.13 -2.32
CA SER B 166 6.27 -25.70 -1.58
C SER B 166 6.67 -25.68 -0.11
N GLY B 167 6.35 -24.60 0.57
CA GLY B 167 6.62 -24.49 2.01
C GLY B 167 7.80 -23.59 2.27
N TRP B 168 7.91 -23.13 3.50
CA TRP B 168 9.05 -22.31 3.94
C TRP B 168 10.42 -22.99 3.94
N ARG B 169 10.53 -24.29 4.16
CA ARG B 169 11.83 -24.93 4.00
C ARG B 169 12.31 -24.84 2.57
N ASP B 170 11.39 -24.92 1.60
CA ASP B 170 11.69 -24.80 0.16
C ASP B 170 12.17 -23.39 -0.15
N VAL B 171 11.53 -22.44 0.50
CA VAL B 171 12.00 -21.04 0.41
C VAL B 171 13.45 -20.84 0.84
N LYS B 172 13.83 -21.36 2.00
CA LYS B 172 15.19 -21.29 2.51
C LYS B 172 16.18 -21.98 1.57
N ASN B 173 15.81 -23.15 1.09
CA ASN B 173 16.64 -23.85 0.13
C ASN B 173 16.81 -23.04 -1.17
N TYR B 174 15.75 -22.40 -1.68
CA TYR B 174 15.90 -21.58 -2.89
C TYR B 174 16.93 -20.49 -2.70
N PHE B 175 16.79 -19.72 -1.63
CA PHE B 175 17.71 -18.64 -1.40
C PHE B 175 19.11 -19.12 -1.09
N ASN B 176 19.25 -20.23 -0.37
CA ASN B 176 20.59 -20.82 -0.15
C ASN B 176 21.28 -21.24 -1.46
N SER B 177 20.50 -21.65 -2.47
CA SER B 177 21.06 -22.13 -3.75
C SER B 177 21.58 -21.01 -4.67
N ILE B 178 21.08 -19.81 -4.52
CA ILE B 178 21.50 -18.68 -5.37
C ILE B 178 22.53 -17.82 -4.62
N GLU B 179 22.82 -18.20 -3.38
CA GLU B 179 23.90 -17.56 -2.61
C GLU B 179 25.15 -18.43 -2.58
MG MG C . 1.92 14.94 1.26
MG MG D . -1.89 -14.72 -0.98
CL CL E . -2.72 0.31 10.14
CL CL F . 6.32 -8.61 -16.26
#